data_4PLO
#
_entry.id   4PLO
#
_cell.length_a   49.478
_cell.length_b   72.939
_cell.length_c   285.159
_cell.angle_alpha   90.00
_cell.angle_beta   90.00
_cell.angle_gamma   90.00
#
_symmetry.space_group_name_H-M   'P 21 21 21'
#
loop_
_entity.id
_entity.type
_entity.pdbx_description
1 polymer 'Netrin receptor DCC'
2 polymer Netrin-1
3 non-polymer 2-acetamido-2-deoxy-beta-D-glucopyranose
4 non-polymer 'SULFATE ION'
5 non-polymer 'CALCIUM ION'
6 water water
#
loop_
_entity_poly.entity_id
_entity_poly.type
_entity_poly.pdbx_seq_one_letter_code
_entity_poly.pdbx_strand_id
1 'polypeptide(L)'
;GADESQVPDQPSSLHVRPQTNCIIMSWTPPLNPNIVVRGYIIGYGVGSPYAETVRVDSKQRYYSIERLESSSHYVISLKA
FNNAGEGVPLYESATTRSITDVSTPMLPPVGVQAVALTHEAVRVSWADNSVPKNQKTSDVRLYTVRWRTSFSASAKYKSE
DTTSLSYTATGLKPNTMYEFSVMVTKNRRSSTWSMTAHATTYEASG
;
B
2 'polypeptide(L)'
;GYPGLNMFAVQTAQPDPCYDEHGLPRRCIPDFVNSAFGKEVKVSSTCGKPPSRYCVVTEKGEEQVRSCHLCNASDPKRAH
PPSFLTDLNNPHNLTCWQSDSYVQYPHNVTLTLSLGKKFEVTYVSLQFCSPRPESMAIYKSMDYGKTWVPFQFYSTQCRK
MYNKPSRAAITKQNEQEAICTDSHTDVRPLSGGLIAFSTLDGRPTAHDFDNSPVLQDWVTATDIKVTFSRLHTFGDENED
DSELARDSYFYAVSDLQVGGRCKCNGHASRCVRDRDDNLVCDCKHNTAGPECDRCKPFHYDRPWQRATAREANECVACNC
NLHARRCRFNMELYKLSGRKSGGVCLNCRHNTAGRHCHYCKEGFYRDLSKPISHRKACKECDCHPVGAAGQTCNQTTGQC
PCKDGVTGITCNRCAKGYQQSRSPIAPCIKIP
;
A
#
# COMPACT_ATOMS: atom_id res chain seq x y z
N GLY A 1 31.60 19.10 -3.11
CA GLY A 1 31.35 18.15 -4.18
C GLY A 1 32.45 18.12 -5.23
N ALA A 2 33.08 16.95 -5.41
CA ALA A 2 34.24 16.81 -6.28
C ALA A 2 34.01 17.09 -7.78
N ASP A 3 33.07 16.39 -8.42
CA ASP A 3 32.93 16.54 -9.87
C ASP A 3 31.54 16.38 -10.52
N GLU A 4 31.35 17.20 -11.56
CA GLU A 4 30.10 17.40 -12.29
C GLU A 4 30.03 16.56 -13.56
N SER A 5 31.00 15.66 -13.75
CA SER A 5 31.07 14.80 -14.94
C SER A 5 29.76 14.11 -15.36
N GLN A 6 29.00 13.63 -14.36
CA GLN A 6 27.75 12.88 -14.57
C GLN A 6 26.58 13.56 -13.83
N VAL A 7 25.35 13.19 -14.16
CA VAL A 7 24.21 13.74 -13.41
C VAL A 7 24.15 13.18 -11.98
N PRO A 8 23.50 13.93 -11.07
CA PRO A 8 23.28 13.51 -9.68
C PRO A 8 22.55 12.19 -9.59
N ASP A 9 22.87 11.37 -8.60
CA ASP A 9 22.03 10.20 -8.34
C ASP A 9 20.78 10.67 -7.58
N GLN A 10 19.85 9.75 -7.33
CA GLN A 10 18.56 10.13 -6.78
C GLN A 10 18.63 10.66 -5.35
N PRO A 11 17.69 11.56 -5.01
CA PRO A 11 17.50 12.03 -3.63
C PRO A 11 17.33 10.85 -2.68
N SER A 12 17.78 11.00 -1.43
CA SER A 12 17.71 9.90 -0.46
C SER A 12 16.33 9.68 0.13
N SER A 13 15.65 10.74 0.54
CA SER A 13 14.28 10.58 1.00
C SER A 13 13.27 11.54 0.34
N LEU A 14 11.98 11.18 0.42
CA LEU A 14 10.88 12.09 0.07
C LEU A 14 9.63 11.87 0.95
N HIS A 15 9.09 12.94 1.51
CA HIS A 15 7.94 12.81 2.40
C HIS A 15 6.96 13.93 2.10
N VAL A 16 5.67 13.62 2.13
CA VAL A 16 4.64 14.60 1.77
C VAL A 16 3.46 14.63 2.74
N ARG A 17 3.10 15.82 3.17
CA ARG A 17 2.05 16.04 4.15
C ARG A 17 0.99 16.93 3.52
N PRO A 18 -0.07 16.31 2.98
CA PRO A 18 -1.19 16.98 2.30
C PRO A 18 -2.04 17.88 3.20
N GLN A 19 -2.30 19.08 2.74
CA GLN A 19 -3.27 19.95 3.39
C GLN A 19 -4.52 19.90 2.53
N THR A 20 -5.51 20.70 2.86
CA THR A 20 -6.75 20.70 2.10
C THR A 20 -6.56 21.22 0.68
N ASN A 21 -6.09 22.46 0.55
CA ASN A 21 -5.77 23.03 -0.76
C ASN A 21 -4.29 23.07 -1.13
N CYS A 22 -3.48 22.49 -0.26
CA CYS A 22 -2.04 22.60 -0.38
C CYS A 22 -1.38 21.25 -0.13
N ILE A 23 -0.09 21.13 -0.46
CA ILE A 23 0.69 19.95 -0.05
C ILE A 23 2.11 20.33 0.36
N ILE A 24 2.57 19.86 1.52
CA ILE A 24 3.93 20.18 1.97
C ILE A 24 4.87 19.04 1.64
N MET A 25 6.03 19.31 1.06
CA MET A 25 6.96 18.23 0.73
C MET A 25 8.35 18.51 1.24
N SER A 26 9.01 17.46 1.74
CA SER A 26 10.37 17.56 2.26
C SER A 26 11.22 16.45 1.67
N TRP A 27 12.52 16.66 1.61
CA TRP A 27 13.45 15.68 1.05
C TRP A 27 14.88 15.90 1.51
N THR A 28 15.78 15.03 1.06
CA THR A 28 17.19 15.08 1.39
C THR A 28 18.04 14.81 0.16
N PRO A 29 19.28 15.33 0.15
CA PRO A 29 20.19 15.15 -0.97
C PRO A 29 20.53 13.68 -1.17
N PRO A 30 21.13 13.32 -2.33
CA PRO A 30 21.69 11.99 -2.53
C PRO A 30 22.74 11.67 -1.47
N LEU A 31 23.01 10.39 -1.28
CA LEU A 31 23.95 9.97 -0.27
C LEU A 31 25.40 10.24 -0.69
N ASN A 32 25.65 10.20 -2.00
CA ASN A 32 26.97 10.48 -2.55
C ASN A 32 27.19 11.98 -2.72
N PRO A 33 28.03 12.58 -1.87
CA PRO A 33 28.32 14.02 -1.86
C PRO A 33 29.21 14.49 -3.00
N ASN A 34 29.90 13.55 -3.66
CA ASN A 34 30.96 13.87 -4.60
C ASN A 34 30.48 14.43 -5.93
N ILE A 35 29.19 14.28 -6.23
CA ILE A 35 28.67 14.79 -7.49
C ILE A 35 27.88 16.07 -7.24
N VAL A 36 28.33 17.15 -7.87
CA VAL A 36 27.76 18.46 -7.62
C VAL A 36 26.24 18.49 -7.86
N VAL A 37 25.51 19.00 -6.88
CA VAL A 37 24.07 19.14 -6.98
C VAL A 37 23.73 20.62 -7.12
N ARG A 38 23.20 21.01 -8.27
CA ARG A 38 22.92 22.43 -8.51
C ARG A 38 21.49 22.86 -8.22
N GLY A 39 20.64 21.92 -7.84
CA GLY A 39 19.26 22.26 -7.52
C GLY A 39 18.33 21.10 -7.82
N TYR A 40 17.04 21.29 -7.62
CA TYR A 40 16.08 20.20 -7.84
C TYR A 40 14.96 20.61 -8.78
N ILE A 41 14.49 19.67 -9.58
CA ILE A 41 13.26 19.89 -10.33
C ILE A 41 12.16 19.10 -9.66
N ILE A 42 11.23 19.81 -9.06
CA ILE A 42 10.04 19.21 -8.54
C ILE A 42 9.07 19.22 -9.70
N GLY A 43 8.21 18.20 -9.77
CA GLY A 43 7.14 18.24 -10.74
C GLY A 43 5.93 17.57 -10.13
N TYR A 44 4.75 17.95 -10.60
CA TYR A 44 3.56 17.52 -9.90
C TYR A 44 2.32 17.58 -10.77
N GLY A 45 1.26 16.93 -10.32
CA GLY A 45 -0.03 17.05 -10.97
C GLY A 45 -1.00 15.94 -10.63
N VAL A 46 -2.25 16.08 -11.04
CA VAL A 46 -3.26 15.11 -10.66
C VAL A 46 -3.13 13.86 -11.50
N GLY A 47 -2.83 12.74 -10.83
CA GLY A 47 -2.70 11.46 -11.50
C GLY A 47 -1.35 11.22 -12.16
N SER A 48 -0.61 12.27 -12.46
CA SER A 48 0.73 12.13 -13.03
C SER A 48 1.51 13.36 -12.61
N PRO A 49 2.85 13.27 -12.56
CA PRO A 49 3.51 14.49 -12.11
C PRO A 49 3.92 15.39 -13.27
N TYR A 50 3.05 15.57 -14.27
CA TYR A 50 3.37 16.43 -15.39
C TYR A 50 2.69 17.81 -15.48
N ALA A 51 1.69 18.05 -14.64
CA ALA A 51 0.92 19.29 -14.77
C ALA A 51 1.78 20.53 -14.55
N GLU A 52 2.80 20.41 -13.71
CA GLU A 52 3.59 21.59 -13.39
C GLU A 52 5.01 21.20 -12.97
N THR A 53 5.96 22.10 -13.18
CA THR A 53 7.33 21.82 -12.81
C THR A 53 8.02 23.08 -12.22
N VAL A 54 8.63 22.92 -11.05
CA VAL A 54 9.29 23.98 -10.28
C VAL A 54 10.77 23.66 -10.20
N ARG A 55 11.61 24.69 -10.22
CA ARG A 55 13.06 24.53 -10.17
C ARG A 55 13.55 25.25 -8.91
N VAL A 56 14.47 24.65 -8.14
CA VAL A 56 14.84 25.28 -6.86
C VAL A 56 16.33 25.31 -6.55
N ASP A 57 16.69 25.88 -5.41
CA ASP A 57 18.09 25.99 -4.96
C ASP A 57 18.64 24.65 -4.50
N SER A 58 19.95 24.47 -4.67
CA SER A 58 20.63 23.28 -4.20
C SER A 58 20.48 23.09 -2.69
N LYS A 59 20.36 24.20 -1.95
CA LYS A 59 20.27 24.16 -0.50
C LYS A 59 18.84 24.04 0.01
N GLN A 60 17.89 23.88 -0.91
CA GLN A 60 16.46 23.76 -0.56
C GLN A 60 16.18 22.34 -0.08
N ARG A 61 15.70 22.18 1.15
CA ARG A 61 15.21 20.88 1.62
C ARG A 61 13.69 20.76 1.67
N TYR A 62 13.00 21.80 1.27
CA TYR A 62 11.59 21.91 1.59
C TYR A 62 10.88 22.59 0.43
N TYR A 63 9.62 22.24 0.20
CA TYR A 63 8.77 23.00 -0.74
C TYR A 63 7.28 22.89 -0.40
N SER A 64 6.54 23.95 -0.67
CA SER A 64 5.11 23.92 -0.46
C SER A 64 4.40 24.07 -1.81
N ILE A 65 3.63 23.06 -2.19
CA ILE A 65 2.91 23.09 -3.45
C ILE A 65 1.54 23.72 -3.16
N GLU A 66 1.37 24.95 -3.63
CA GLU A 66 0.41 25.85 -3.00
C GLU A 66 -0.97 26.18 -3.59
N ARG A 67 -1.28 25.77 -4.81
CA ARG A 67 -2.65 26.01 -5.24
C ARG A 67 -3.19 24.73 -5.79
N LEU A 68 -4.08 24.10 -5.06
CA LEU A 68 -4.46 22.75 -5.46
C LEU A 68 -5.90 22.47 -5.09
N GLU A 69 -6.37 21.31 -5.49
CA GLU A 69 -7.79 20.99 -5.37
C GLU A 69 -8.07 20.05 -4.20
N SER A 70 -9.24 20.21 -3.58
CA SER A 70 -9.68 19.31 -2.54
C SER A 70 -9.89 17.93 -3.12
N SER A 71 -9.79 16.94 -2.25
CA SER A 71 -10.07 15.54 -2.56
C SER A 71 -9.45 15.04 -3.86
N SER A 72 -8.25 15.49 -4.15
CA SER A 72 -7.58 15.14 -5.39
C SER A 72 -6.28 14.36 -5.16
N HIS A 73 -6.08 13.29 -5.92
CA HIS A 73 -4.88 12.48 -5.77
C HIS A 73 -3.80 13.06 -6.70
N TYR A 74 -2.81 13.70 -6.09
CA TYR A 74 -1.67 14.28 -6.77
C TYR A 74 -0.52 13.30 -6.75
N VAL A 75 0.24 13.28 -7.83
CA VAL A 75 1.49 12.54 -7.86
C VAL A 75 2.58 13.57 -7.99
N ILE A 76 3.64 13.35 -7.22
CA ILE A 76 4.80 14.25 -7.11
C ILE A 76 6.07 13.51 -7.47
N SER A 77 6.94 14.17 -8.24
CA SER A 77 8.23 13.63 -8.61
C SER A 77 9.32 14.63 -8.25
N LEU A 78 10.50 14.12 -7.88
CA LEU A 78 11.62 14.97 -7.49
C LEU A 78 12.93 14.52 -8.12
N LYS A 79 13.61 15.44 -8.78
CA LYS A 79 14.85 15.11 -9.47
C LYS A 79 15.90 16.06 -8.94
N ALA A 80 17.14 15.63 -8.93
CA ALA A 80 18.25 16.54 -8.65
C ALA A 80 18.90 16.80 -9.99
N PHE A 81 19.46 17.98 -10.21
CA PHE A 81 20.12 18.25 -11.47
C PHE A 81 21.45 18.99 -11.34
N ASN A 82 22.22 18.99 -12.42
CA ASN A 82 23.40 19.85 -12.56
C ASN A 82 23.71 20.05 -14.03
N ASN A 83 24.88 20.60 -14.35
CA ASN A 83 25.24 20.88 -15.75
C ASN A 83 25.17 19.66 -16.68
N ALA A 84 25.47 18.48 -16.14
CA ALA A 84 25.39 17.25 -16.93
C ALA A 84 23.96 17.07 -17.43
N GLY A 85 23.01 17.30 -16.53
CA GLY A 85 21.60 17.15 -16.81
C GLY A 85 20.88 16.74 -15.55
N GLU A 86 19.70 16.15 -15.68
CA GLU A 86 18.94 15.68 -14.53
C GLU A 86 19.03 14.17 -14.32
N GLY A 87 19.03 13.77 -13.06
CA GLY A 87 19.16 12.38 -12.68
C GLY A 87 17.81 11.70 -12.50
N VAL A 88 17.83 10.45 -12.03
CA VAL A 88 16.60 9.70 -11.84
C VAL A 88 15.78 10.25 -10.68
N PRO A 89 14.47 10.37 -10.90
CA PRO A 89 13.52 10.95 -9.96
C PRO A 89 13.10 10.01 -8.83
N LEU A 90 12.62 10.60 -7.76
CA LEU A 90 11.93 9.89 -6.70
C LEU A 90 10.48 10.36 -6.72
N TYR A 91 9.52 9.49 -6.42
CA TYR A 91 8.11 9.89 -6.46
C TYR A 91 7.43 9.70 -5.11
N GLU A 92 6.32 10.39 -4.92
CA GLU A 92 5.37 9.98 -3.90
C GLU A 92 4.03 10.53 -4.31
N SER A 93 2.96 10.05 -3.68
CA SER A 93 1.64 10.48 -4.06
C SER A 93 0.85 10.87 -2.81
N ALA A 94 -0.07 11.82 -2.95
CA ALA A 94 -0.86 12.27 -1.81
C ALA A 94 -2.23 12.76 -2.26
N THR A 95 -3.24 12.57 -1.42
CA THR A 95 -4.60 12.96 -1.72
C THR A 95 -5.01 14.11 -0.83
N THR A 96 -5.23 15.28 -1.42
CA THR A 96 -5.54 16.45 -0.62
C THR A 96 -6.85 16.24 0.15
N ARG A 97 -7.02 17.01 1.22
CA ARG A 97 -8.16 16.83 2.09
C ARG A 97 -9.36 17.49 1.45
N SER A 98 -10.52 17.28 2.06
CA SER A 98 -11.77 17.77 1.50
C SER A 98 -12.11 19.15 2.06
N ILE A 99 -12.73 19.99 1.23
CA ILE A 99 -13.18 21.31 1.68
C ILE A 99 -14.21 21.20 2.81
N THR A 100 -14.71 19.99 3.07
CA THR A 100 -15.56 19.72 4.22
C THR A 100 -14.83 20.09 5.51
N ASP A 101 -13.54 19.77 5.54
CA ASP A 101 -12.71 20.01 6.71
C ASP A 101 -12.53 21.50 7.05
N VAL A 102 -12.51 22.37 6.03
CA VAL A 102 -12.42 23.81 6.26
C VAL A 102 -13.79 24.55 6.16
N SER A 103 -14.82 23.82 5.73
CA SER A 103 -16.17 24.37 5.58
C SER A 103 -16.69 24.90 6.91
N THR A 104 -16.96 23.98 7.83
CA THR A 104 -17.28 24.33 9.20
C THR A 104 -15.98 24.44 10.00
N PRO A 105 -15.59 25.68 10.36
CA PRO A 105 -14.39 25.86 11.17
C PRO A 105 -14.62 25.29 12.56
N MET A 106 -13.60 24.65 13.15
CA MET A 106 -13.76 23.90 14.39
C MET A 106 -14.32 24.72 15.57
N LEU A 107 -15.21 24.10 16.32
CA LEU A 107 -15.94 24.78 17.38
C LEU A 107 -15.55 24.20 18.72
N PRO A 108 -15.56 25.03 19.79
CA PRO A 108 -15.01 24.55 21.06
C PRO A 108 -15.83 23.39 21.64
N PRO A 109 -15.33 22.80 22.74
CA PRO A 109 -16.15 21.79 23.41
C PRO A 109 -17.19 22.45 24.29
N VAL A 110 -18.27 21.73 24.60
CA VAL A 110 -19.33 22.28 25.42
C VAL A 110 -19.52 21.44 26.68
N GLY A 111 -20.44 21.86 27.54
CA GLY A 111 -20.78 21.10 28.73
C GLY A 111 -19.56 20.86 29.58
N VAL A 112 -18.88 21.95 29.94
CA VAL A 112 -17.65 21.88 30.72
C VAL A 112 -17.89 22.13 32.19
N GLN A 113 -17.29 21.26 33.00
CA GLN A 113 -17.42 21.34 34.44
C GLN A 113 -16.06 21.16 35.14
N ALA A 114 -15.84 21.97 36.17
CA ALA A 114 -14.64 21.84 36.98
C ALA A 114 -15.07 21.65 38.41
N VAL A 115 -14.79 20.48 38.96
CA VAL A 115 -15.08 20.22 40.36
C VAL A 115 -13.80 20.05 41.18
N ALA A 116 -13.73 20.77 42.29
CA ALA A 116 -12.54 20.73 43.15
C ALA A 116 -12.45 19.37 43.83
N LEU A 117 -11.32 18.70 43.65
CA LEU A 117 -11.04 17.43 44.33
C LEU A 117 -10.47 17.57 45.74
N THR A 118 -9.49 18.47 45.86
CA THR A 118 -8.63 18.60 47.04
C THR A 118 -8.19 20.06 47.15
N HIS A 119 -7.19 20.30 47.98
CA HIS A 119 -6.54 21.60 48.05
C HIS A 119 -5.59 21.84 46.86
N GLU A 120 -4.94 20.78 46.39
CA GLU A 120 -4.04 20.86 45.22
C GLU A 120 -4.60 20.38 43.87
N ALA A 121 -5.87 19.96 43.83
CA ALA A 121 -6.37 19.32 42.61
C ALA A 121 -7.78 19.72 42.19
N VAL A 122 -8.01 19.83 40.87
CA VAL A 122 -9.35 20.08 40.33
C VAL A 122 -9.66 19.25 39.07
N ARG A 123 -10.78 18.53 39.07
CA ARG A 123 -11.15 17.69 37.94
C ARG A 123 -11.95 18.47 36.90
N VAL A 124 -11.47 18.43 35.67
CA VAL A 124 -12.10 19.12 34.56
C VAL A 124 -12.66 18.12 33.56
N SER A 125 -13.89 18.34 33.13
CA SER A 125 -14.52 17.46 32.14
C SER A 125 -15.34 18.25 31.12
N TRP A 126 -15.48 17.70 29.93
CA TRP A 126 -16.22 18.38 28.88
C TRP A 126 -16.97 17.35 28.05
N ALA A 127 -17.64 17.82 27.00
CA ALA A 127 -18.36 16.93 26.11
C ALA A 127 -18.07 17.31 24.67
N ASP A 128 -18.45 16.42 23.76
CA ASP A 128 -18.41 16.74 22.34
C ASP A 128 -19.59 16.14 21.58
N ASN A 129 -20.11 16.90 20.63
CA ASN A 129 -21.24 16.48 19.80
C ASN A 129 -20.79 15.89 18.46
N SER A 130 -19.47 15.78 18.28
CA SER A 130 -18.91 15.19 17.07
C SER A 130 -18.74 13.69 17.28
N VAL A 131 -19.54 12.91 16.54
CA VAL A 131 -19.57 11.45 16.64
C VAL A 131 -20.08 10.85 15.34
N ARG A 141 -7.98 13.80 17.86
CA ARG A 141 -8.68 14.74 18.72
C ARG A 141 -7.86 15.17 19.95
N LEU A 142 -7.15 16.28 19.82
CA LEU A 142 -6.31 16.78 20.90
C LEU A 142 -6.96 17.93 21.65
N TYR A 143 -7.38 17.71 22.89
CA TYR A 143 -7.98 18.82 23.65
C TYR A 143 -6.96 19.55 24.50
N THR A 144 -7.00 20.87 24.50
CA THR A 144 -6.02 21.64 25.24
C THR A 144 -6.65 22.46 26.37
N VAL A 145 -6.34 22.06 27.60
CA VAL A 145 -6.88 22.71 28.78
C VAL A 145 -5.91 23.78 29.29
N ARG A 146 -6.46 24.87 29.78
CA ARG A 146 -5.64 25.94 30.33
C ARG A 146 -6.26 26.47 31.62
N TRP A 147 -5.44 26.85 32.59
CA TRP A 147 -5.99 27.45 33.79
C TRP A 147 -5.24 28.67 34.34
N ARG A 148 -5.97 29.56 35.00
CA ARG A 148 -5.37 30.75 35.59
C ARG A 148 -6.17 31.23 36.79
N THR A 149 -5.57 32.09 37.60
CA THR A 149 -6.25 32.59 38.80
C THR A 149 -7.28 33.66 38.45
N SER A 150 -8.39 33.66 39.18
CA SER A 150 -9.50 34.56 38.89
C SER A 150 -9.52 35.76 39.86
N SER A 154 -4.46 39.70 35.31
CA SER A 154 -3.22 39.89 36.04
C SER A 154 -2.34 38.66 35.87
N ALA A 155 -2.39 37.77 36.87
CA ALA A 155 -1.68 36.50 36.83
C ALA A 155 -2.10 35.69 35.63
N LYS A 156 -1.16 34.94 35.06
CA LYS A 156 -1.36 34.33 33.75
C LYS A 156 -1.47 32.81 33.77
N TYR A 157 -1.54 32.21 32.59
CA TYR A 157 -2.06 30.85 32.42
C TYR A 157 -1.09 29.70 32.67
N LYS A 158 -1.63 28.49 32.58
CA LYS A 158 -0.87 27.24 32.62
C LYS A 158 -1.55 26.30 31.63
N SER A 159 -0.77 25.61 30.81
CA SER A 159 -1.34 24.80 29.73
C SER A 159 -1.11 23.30 29.91
N GLU A 160 -2.04 22.49 29.40
CA GLU A 160 -1.86 21.04 29.33
C GLU A 160 -2.66 20.43 28.17
N ASP A 161 -2.12 19.37 27.57
CA ASP A 161 -2.80 18.68 26.47
C ASP A 161 -3.30 17.31 26.90
N THR A 162 -4.47 16.92 26.40
CA THR A 162 -4.97 15.56 26.65
C THR A 162 -5.60 14.90 25.44
N THR A 163 -5.55 13.58 25.47
CA THR A 163 -6.12 12.76 24.42
C THR A 163 -7.55 12.36 24.77
N SER A 164 -7.95 12.63 26.01
CA SER A 164 -9.25 12.17 26.51
C SER A 164 -10.23 13.33 26.73
N LEU A 165 -11.43 13.02 27.25
CA LEU A 165 -12.45 14.04 27.51
C LEU A 165 -12.46 14.58 28.95
N SER A 166 -11.51 14.13 29.76
CA SER A 166 -11.38 14.65 31.12
C SER A 166 -9.94 14.71 31.58
N TYR A 167 -9.60 15.79 32.29
CA TYR A 167 -8.26 15.95 32.83
C TYR A 167 -8.34 16.26 34.31
N THR A 168 -7.21 16.09 35.01
CA THR A 168 -7.15 16.38 36.43
C THR A 168 -5.97 17.30 36.73
N ALA A 169 -6.27 18.52 37.17
CA ALA A 169 -5.24 19.52 37.39
C ALA A 169 -4.63 19.34 38.76
N THR A 170 -3.30 19.39 38.81
CA THR A 170 -2.54 19.21 40.03
C THR A 170 -1.66 20.41 40.32
N GLY A 171 -1.20 20.53 41.57
CA GLY A 171 -0.31 21.60 41.94
C GLY A 171 -0.99 22.95 42.04
N LEU A 172 -2.06 23.02 42.80
CA LEU A 172 -2.80 24.26 42.92
C LEU A 172 -2.77 24.81 44.34
N LYS A 173 -2.41 26.07 44.48
CA LYS A 173 -2.44 26.75 45.76
C LYS A 173 -3.85 26.69 46.35
N PRO A 174 -3.99 26.05 47.52
CA PRO A 174 -5.30 25.78 48.14
C PRO A 174 -6.13 27.03 48.39
N ASN A 175 -7.44 26.82 48.55
CA ASN A 175 -8.42 27.89 48.77
C ASN A 175 -8.38 29.05 47.76
N THR A 176 -8.06 28.72 46.52
CA THR A 176 -7.98 29.72 45.46
C THR A 176 -8.89 29.35 44.29
N MET A 177 -9.75 30.27 43.90
CA MET A 177 -10.62 30.03 42.75
C MET A 177 -9.82 30.14 41.46
N TYR A 178 -9.85 29.09 40.64
CA TYR A 178 -9.19 29.15 39.34
C TYR A 178 -10.20 29.27 38.18
N GLU A 179 -9.67 29.30 36.95
CA GLU A 179 -10.46 29.44 35.73
C GLU A 179 -9.91 28.50 34.67
N PHE A 180 -10.77 27.62 34.16
CA PHE A 180 -10.34 26.56 33.27
C PHE A 180 -11.01 26.67 31.92
N SER A 181 -10.24 26.44 30.86
CA SER A 181 -10.77 26.52 29.51
C SER A 181 -10.24 25.35 28.71
N VAL A 182 -10.93 24.99 27.64
CA VAL A 182 -10.53 23.87 26.81
C VAL A 182 -10.67 24.28 25.35
N MET A 183 -9.77 23.80 24.51
CA MET A 183 -9.99 23.87 23.08
C MET A 183 -9.82 22.48 22.50
N VAL A 184 -9.96 22.35 21.20
CA VAL A 184 -9.87 21.04 20.56
C VAL A 184 -9.11 21.13 19.24
N THR A 185 -8.49 20.02 18.85
CA THR A 185 -7.75 19.97 17.60
C THR A 185 -8.06 18.70 16.79
N LYS A 186 -8.53 18.90 15.55
CA LYS A 186 -8.90 17.81 14.65
C LYS A 186 -8.11 17.88 13.34
N ASN A 187 -7.43 16.78 13.00
CA ASN A 187 -6.63 16.72 11.77
C ASN A 187 -5.72 17.94 11.60
N ARG A 188 -5.03 18.27 12.70
CA ARG A 188 -4.18 19.46 12.85
C ARG A 188 -4.94 20.79 12.79
N ARG A 189 -6.24 20.77 13.05
CA ARG A 189 -7.04 22.00 12.96
C ARG A 189 -7.78 22.30 14.26
N SER A 190 -7.66 23.53 14.75
CA SER A 190 -8.05 23.86 16.12
C SER A 190 -9.20 24.86 16.25
N SER A 191 -10.04 24.63 17.26
CA SER A 191 -11.14 25.53 17.62
C SER A 191 -10.61 26.67 18.49
N THR A 192 -11.51 27.45 19.08
CA THR A 192 -11.11 28.45 20.09
C THR A 192 -11.41 27.99 21.50
N TRP A 193 -11.10 28.85 22.47
CA TRP A 193 -11.23 28.50 23.88
C TRP A 193 -12.69 28.33 24.27
N SER A 194 -13.02 27.15 24.78
CA SER A 194 -14.37 26.86 25.22
C SER A 194 -14.68 27.72 26.41
N MET A 195 -15.96 27.85 26.71
CA MET A 195 -16.39 28.64 27.84
C MET A 195 -15.69 28.18 29.14
N THR A 196 -15.49 29.14 30.05
CA THR A 196 -14.76 28.88 31.28
C THR A 196 -15.64 28.36 32.42
N ALA A 197 -15.03 27.48 33.23
CA ALA A 197 -15.62 26.97 34.47
C ALA A 197 -14.80 27.42 35.66
N HIS A 198 -15.48 27.88 36.71
CA HIS A 198 -14.80 28.39 37.90
C HIS A 198 -14.96 27.49 39.11
N ALA A 199 -13.84 26.99 39.64
CA ALA A 199 -13.82 26.16 40.84
C ALA A 199 -12.77 26.60 41.86
N THR A 200 -13.16 26.59 43.13
CA THR A 200 -12.28 26.97 44.24
C THR A 200 -11.67 25.73 44.93
N THR A 201 -10.35 25.68 45.03
CA THR A 201 -9.70 24.54 45.65
C THR A 201 -10.03 24.46 47.15
N TYR A 202 -9.84 23.28 47.72
CA TYR A 202 -10.14 23.02 49.12
C TYR A 202 -9.12 23.64 50.05
N GLU A 203 -9.57 23.95 51.27
CA GLU A 203 -8.65 24.34 52.33
C GLU A 203 -7.89 23.08 52.77
N ALA A 204 -6.57 23.19 52.87
CA ALA A 204 -5.74 22.04 53.23
C ALA A 204 -5.73 21.77 54.73
N PRO B 15 13.52 0.95 10.59
CA PRO B 15 12.50 0.20 11.32
C PRO B 15 11.35 -0.12 10.39
N ASP B 16 10.53 -1.11 10.70
CA ASP B 16 9.49 -1.50 9.79
C ASP B 16 8.42 -0.48 9.77
N PRO B 17 8.04 -0.13 8.48
CA PRO B 17 6.92 0.79 8.44
C PRO B 17 5.64 0.05 8.60
N CYS B 18 5.70 -1.26 8.62
CA CYS B 18 4.50 -2.06 8.74
C CYS B 18 3.99 -2.21 10.14
N TYR B 19 4.75 -1.78 11.14
CA TYR B 19 4.32 -1.77 12.50
C TYR B 19 4.57 -0.40 13.13
N ASP B 20 3.77 0.02 14.10
CA ASP B 20 3.76 1.36 14.66
C ASP B 20 4.75 1.60 15.77
N GLU B 21 4.54 2.74 16.43
CA GLU B 21 5.43 3.27 17.46
C GLU B 21 5.83 2.19 18.46
N HIS B 22 4.88 1.34 18.84
CA HIS B 22 5.27 0.12 19.52
C HIS B 22 4.52 -1.11 19.04
N GLY B 23 5.18 -1.94 18.24
CA GLY B 23 4.81 -3.33 18.03
C GLY B 23 3.53 -3.74 17.31
N LEU B 24 2.64 -2.79 17.06
CA LEU B 24 1.34 -3.15 16.49
C LEU B 24 1.38 -3.12 14.98
N PRO B 25 0.63 -4.03 14.35
CA PRO B 25 0.53 -4.05 12.89
C PRO B 25 -0.19 -2.79 12.41
N ARG B 26 0.35 -2.11 11.41
CA ARG B 26 -0.28 -1.00 10.73
C ARG B 26 -0.12 -1.14 9.24
N ARG B 27 -1.05 -0.62 8.44
CA ARG B 27 -1.05 -0.84 7.00
C ARG B 27 0.21 -0.27 6.35
N CYS B 28 0.74 -0.97 5.37
CA CYS B 28 1.96 -0.50 4.72
C CYS B 28 1.88 -0.65 3.22
N ILE B 29 2.53 0.26 2.51
CA ILE B 29 2.35 0.41 1.07
C ILE B 29 3.72 0.56 0.44
N PRO B 30 3.99 -0.11 -0.68
CA PRO B 30 5.35 0.09 -1.18
C PRO B 30 5.53 1.48 -1.78
N ASP B 31 6.77 1.94 -1.93
CA ASP B 31 7.05 3.20 -2.62
C ASP B 31 6.41 3.22 -4.01
N PHE B 32 5.94 4.41 -4.36
CA PHE B 32 5.45 4.73 -5.68
C PHE B 32 6.67 4.84 -6.56
N VAL B 33 6.67 4.12 -7.67
CA VAL B 33 7.83 4.01 -8.54
C VAL B 33 7.44 4.10 -10.03
N ASN B 34 8.42 4.29 -10.90
CA ASN B 34 8.14 4.12 -12.31
C ASN B 34 8.66 2.75 -12.62
N SER B 35 7.72 1.82 -12.75
CA SER B 35 7.99 0.40 -12.94
C SER B 35 8.72 0.10 -14.22
N ALA B 36 8.66 1.04 -15.16
CA ALA B 36 9.24 0.79 -16.46
C ALA B 36 10.73 1.04 -16.45
N PHE B 37 11.19 1.74 -15.43
CA PHE B 37 12.54 2.34 -15.45
C PHE B 37 13.69 1.38 -15.76
N GLY B 38 13.72 0.26 -15.10
CA GLY B 38 14.77 -0.66 -15.45
C GLY B 38 14.50 -1.29 -16.79
N LYS B 39 13.26 -1.76 -16.92
CA LYS B 39 12.91 -2.92 -17.72
C LYS B 39 13.08 -2.77 -19.24
N GLU B 40 13.21 -3.91 -19.92
CA GLU B 40 13.32 -3.93 -21.37
C GLU B 40 11.93 -4.01 -22.00
N VAL B 41 11.75 -3.31 -23.10
CA VAL B 41 10.47 -3.27 -23.75
C VAL B 41 10.64 -3.71 -25.19
N LYS B 42 9.79 -4.64 -25.63
CA LYS B 42 9.89 -5.20 -26.96
C LYS B 42 9.18 -4.28 -27.93
N VAL B 43 9.80 -4.04 -29.09
CA VAL B 43 9.16 -3.16 -30.07
C VAL B 43 9.03 -3.80 -31.46
N SER B 44 7.91 -3.49 -32.12
CA SER B 44 7.58 -4.06 -33.43
C SER B 44 8.60 -3.68 -34.48
N SER B 45 9.06 -2.44 -34.41
CA SER B 45 10.07 -2.01 -35.36
C SER B 45 10.95 -0.92 -34.79
N THR B 46 12.14 -0.84 -35.34
CA THR B 46 13.09 0.18 -34.97
C THR B 46 13.88 0.47 -36.23
N CYS B 47 14.21 1.73 -36.44
CA CYS B 47 14.95 2.12 -37.64
C CYS B 47 16.39 1.63 -37.56
N GLY B 48 17.19 1.98 -38.55
CA GLY B 48 18.62 1.68 -38.54
C GLY B 48 19.01 0.30 -39.01
N LYS B 49 18.04 -0.61 -39.15
CA LYS B 49 18.37 -2.03 -39.37
C LYS B 49 19.30 -2.20 -40.57
N PRO B 50 18.80 -2.06 -41.82
CA PRO B 50 19.80 -1.42 -42.67
C PRO B 50 19.73 0.07 -42.42
N PRO B 51 20.88 0.77 -42.37
CA PRO B 51 20.83 2.20 -42.10
C PRO B 51 19.86 2.88 -43.07
N SER B 52 18.93 3.63 -42.52
CA SER B 52 17.88 4.22 -43.31
C SER B 52 17.88 5.72 -43.10
N ARG B 53 16.99 6.41 -43.80
CA ARG B 53 16.90 7.86 -43.69
C ARG B 53 15.59 8.29 -43.02
N TYR B 54 15.67 9.31 -42.19
CA TYR B 54 14.46 9.93 -41.68
C TYR B 54 14.46 11.44 -41.91
N CYS B 55 13.28 12.03 -41.89
CA CYS B 55 13.15 13.45 -42.12
C CYS B 55 12.29 14.07 -41.03
N VAL B 56 12.87 14.99 -40.26
CA VAL B 56 12.12 15.70 -39.25
C VAL B 56 11.81 17.10 -39.73
N VAL B 57 10.53 17.46 -39.66
CA VAL B 57 10.04 18.73 -40.16
C VAL B 57 9.99 19.77 -39.05
N THR B 58 10.35 21.00 -39.38
CA THR B 58 10.35 22.09 -38.42
C THR B 58 9.48 23.24 -38.91
N GLU B 59 9.00 24.06 -37.98
CA GLU B 59 8.30 25.28 -38.35
C GLU B 59 9.07 26.49 -37.81
N LYS B 60 9.65 27.26 -38.72
CA LYS B 60 10.17 28.59 -38.39
C LYS B 60 9.23 29.61 -39.01
N GLY B 61 8.57 30.41 -38.18
CA GLY B 61 7.52 31.26 -38.68
C GLY B 61 6.39 30.44 -39.29
N GLU B 62 6.02 30.76 -40.51
CA GLU B 62 4.85 30.15 -41.14
C GLU B 62 5.10 28.98 -42.13
N GLU B 63 6.35 28.68 -42.43
CA GLU B 63 6.62 27.69 -43.48
C GLU B 63 7.26 26.42 -42.92
N GLN B 64 7.09 25.31 -43.63
CA GLN B 64 7.64 24.02 -43.21
C GLN B 64 9.05 23.75 -43.76
N VAL B 65 10.00 23.51 -42.87
CA VAL B 65 11.40 23.27 -43.24
C VAL B 65 11.86 21.84 -42.90
N ARG B 66 12.14 21.06 -43.94
CA ARG B 66 12.57 19.68 -43.77
C ARG B 66 14.04 19.56 -43.41
N SER B 67 14.35 18.66 -42.48
CA SER B 67 15.73 18.34 -42.15
C SER B 67 15.87 16.83 -42.27
N CYS B 68 16.93 16.36 -42.92
CA CYS B 68 17.11 14.91 -43.04
C CYS B 68 18.29 14.37 -42.26
N HIS B 69 18.15 13.15 -41.74
CA HIS B 69 19.19 12.53 -40.91
C HIS B 69 19.25 11.01 -41.08
N LEU B 70 20.39 10.45 -40.73
CA LEU B 70 20.61 9.02 -40.89
C LEU B 70 20.31 8.26 -39.60
N CYS B 71 19.49 7.22 -39.70
CA CYS B 71 19.28 6.31 -38.59
C CYS B 71 20.15 5.11 -38.85
N ASN B 72 21.09 4.86 -37.95
CA ASN B 72 22.07 3.80 -38.11
C ASN B 72 22.22 3.02 -36.80
N ALA B 73 21.89 1.75 -36.81
CA ALA B 73 21.87 0.95 -35.58
C ALA B 73 23.26 0.55 -35.05
N SER B 74 24.25 0.51 -35.94
CA SER B 74 25.62 0.16 -35.56
C SER B 74 26.37 1.35 -34.98
N ASP B 75 26.08 2.55 -35.48
CA ASP B 75 26.72 3.77 -34.96
C ASP B 75 25.96 4.35 -33.79
N PRO B 76 26.66 4.63 -32.70
CA PRO B 76 26.05 4.97 -31.43
C PRO B 76 25.47 6.34 -31.36
N LYS B 77 25.95 7.21 -32.19
CA LYS B 77 25.35 8.54 -32.25
C LYS B 77 24.03 8.49 -33.02
N ARG B 78 23.97 7.67 -34.05
CA ARG B 78 22.79 7.61 -34.90
C ARG B 78 21.77 6.49 -34.59
N ALA B 79 22.03 5.70 -33.55
CA ALA B 79 21.18 4.55 -33.21
C ALA B 79 20.07 4.86 -32.21
N HIS B 80 18.93 4.20 -32.35
CA HIS B 80 17.76 4.51 -31.53
C HIS B 80 17.08 3.27 -31.00
N PRO B 81 17.78 2.51 -30.17
CA PRO B 81 17.22 1.25 -29.68
C PRO B 81 16.14 1.45 -28.64
N PRO B 82 15.33 0.42 -28.41
CA PRO B 82 14.32 0.42 -27.34
C PRO B 82 14.89 0.61 -25.92
N SER B 83 16.19 0.41 -25.73
CA SER B 83 16.83 0.66 -24.42
C SER B 83 16.51 2.09 -24.05
N PHE B 84 16.49 2.92 -25.05
CA PHE B 84 16.28 4.32 -25.00
C PHE B 84 14.87 4.69 -24.71
N LEU B 85 13.99 3.78 -24.60
CA LEU B 85 12.65 3.96 -24.05
C LEU B 85 12.69 4.06 -22.54
N THR B 86 13.45 3.20 -21.89
CA THR B 86 13.50 3.21 -20.43
C THR B 86 14.74 3.71 -19.73
N ASP B 87 15.74 4.18 -20.45
CA ASP B 87 16.93 4.66 -19.75
C ASP B 87 16.68 5.93 -18.93
N LEU B 88 17.72 6.42 -18.27
CA LEU B 88 17.62 7.66 -17.49
C LEU B 88 17.23 8.81 -18.39
N ASN B 89 16.27 9.61 -17.96
CA ASN B 89 15.69 10.58 -18.88
C ASN B 89 16.29 11.95 -18.61
N ASN B 90 17.28 12.30 -19.41
CA ASN B 90 17.98 13.53 -19.22
C ASN B 90 17.60 14.46 -20.30
N PRO B 91 16.97 15.63 -19.88
CA PRO B 91 16.56 16.51 -20.96
C PRO B 91 17.72 17.03 -21.73
N HIS B 92 18.79 17.29 -21.04
CA HIS B 92 19.97 17.88 -21.60
C HIS B 92 20.63 16.99 -22.59
N ASN B 93 20.65 15.72 -22.29
CA ASN B 93 21.00 14.74 -23.26
C ASN B 93 19.93 13.71 -23.48
N LEU B 94 19.37 13.65 -24.66
CA LEU B 94 18.13 12.94 -24.85
C LEU B 94 18.23 11.81 -25.79
N THR B 95 17.57 10.73 -25.46
CA THR B 95 17.60 9.52 -26.24
C THR B 95 16.18 9.07 -26.59
N CYS B 96 15.91 8.71 -27.82
CA CYS B 96 14.61 8.22 -28.30
C CYS B 96 14.76 6.91 -29.04
N TRP B 97 13.88 5.97 -28.76
CA TRP B 97 13.70 4.83 -29.66
C TRP B 97 12.98 5.31 -30.92
N GLN B 98 13.32 4.77 -32.09
CA GLN B 98 12.63 5.26 -33.28
C GLN B 98 12.18 4.20 -34.28
N SER B 99 10.86 4.10 -34.48
CA SER B 99 10.32 3.18 -35.47
C SER B 99 10.81 3.60 -36.82
N ASP B 100 10.82 2.68 -37.77
CA ASP B 100 11.26 3.03 -39.11
C ASP B 100 10.19 3.86 -39.82
N SER B 101 10.51 4.26 -41.05
CA SER B 101 9.62 5.08 -41.88
C SER B 101 8.47 4.31 -42.54
N TYR B 102 7.48 5.07 -43.01
CA TYR B 102 6.25 4.53 -43.60
C TYR B 102 5.65 3.36 -42.81
N VAL B 103 5.54 3.64 -41.52
CA VAL B 103 4.84 2.83 -40.55
C VAL B 103 3.38 3.31 -40.39
N GLN B 104 2.93 4.13 -41.33
CA GLN B 104 1.54 4.64 -41.37
C GLN B 104 0.44 3.60 -41.61
N TYR B 105 -0.78 3.97 -41.27
CA TYR B 105 -1.95 3.09 -41.32
C TYR B 105 -2.08 2.36 -42.67
N PRO B 106 -2.57 1.11 -42.64
CA PRO B 106 -2.95 0.39 -41.42
C PRO B 106 -1.76 -0.36 -40.79
N HIS B 107 -0.63 0.31 -40.61
CA HIS B 107 0.48 -0.28 -39.91
C HIS B 107 0.29 -0.05 -38.43
N ASN B 108 0.69 -1.03 -37.63
CA ASN B 108 0.84 -0.86 -36.19
C ASN B 108 2.29 -0.67 -35.87
N VAL B 109 2.57 0.09 -34.82
CA VAL B 109 3.84 -0.13 -34.15
C VAL B 109 3.53 -0.44 -32.70
N THR B 110 4.03 -1.55 -32.21
CA THR B 110 3.67 -1.95 -30.85
C THR B 110 4.86 -2.00 -29.90
N LEU B 111 4.65 -1.39 -28.75
CA LEU B 111 5.54 -1.47 -27.61
C LEU B 111 4.89 -2.41 -26.62
N THR B 112 5.65 -3.35 -26.08
CA THR B 112 5.08 -4.25 -25.08
C THR B 112 6.07 -4.39 -23.92
N LEU B 113 5.56 -4.30 -22.70
CA LEU B 113 6.40 -4.30 -21.48
C LEU B 113 5.91 -5.17 -20.31
N SER B 114 6.73 -6.15 -19.91
CA SER B 114 6.41 -6.92 -18.68
C SER B 114 7.02 -6.33 -17.43
N LEU B 115 6.18 -6.23 -16.41
CA LEU B 115 6.59 -5.77 -15.10
C LEU B 115 6.99 -6.95 -14.21
N GLY B 116 6.67 -8.16 -14.65
CA GLY B 116 6.96 -9.36 -13.90
C GLY B 116 6.35 -9.42 -12.51
N LYS B 117 5.39 -8.55 -12.21
CA LYS B 117 4.80 -8.52 -10.87
C LYS B 117 3.46 -7.82 -10.94
N LYS B 118 2.56 -8.03 -10.01
CA LYS B 118 1.33 -7.28 -10.06
C LYS B 118 1.56 -5.94 -9.39
N PHE B 119 1.56 -4.90 -10.21
CA PHE B 119 1.60 -3.49 -9.79
C PHE B 119 0.22 -2.88 -9.82
N GLU B 120 -0.04 -1.97 -8.91
CA GLU B 120 -1.18 -1.10 -9.03
C GLU B 120 -0.69 0.13 -9.77
N VAL B 121 -1.12 0.27 -11.03
CA VAL B 121 -0.70 1.45 -11.83
C VAL B 121 -1.65 2.65 -11.74
N THR B 122 -1.08 3.78 -11.32
CA THR B 122 -1.74 5.08 -11.25
C THR B 122 -1.78 5.80 -12.60
N TYR B 123 -0.67 5.74 -13.35
CA TYR B 123 -0.59 6.41 -14.64
C TYR B 123 0.34 5.74 -15.63
N VAL B 124 0.18 6.07 -16.91
CA VAL B 124 1.11 5.60 -17.92
C VAL B 124 1.52 6.77 -18.80
N SER B 125 2.82 7.00 -18.94
CA SER B 125 3.31 8.18 -19.64
C SER B 125 4.11 7.80 -20.87
N LEU B 126 3.79 8.39 -22.01
CA LEU B 126 4.73 8.36 -23.11
C LEU B 126 5.16 9.78 -23.43
N GLN B 127 6.37 9.95 -23.91
CA GLN B 127 6.87 11.26 -24.26
C GLN B 127 7.62 11.20 -25.57
N PHE B 128 7.13 12.00 -26.53
CA PHE B 128 7.48 11.84 -27.93
C PHE B 128 8.47 12.82 -28.46
N CYS B 129 9.51 12.29 -29.11
CA CYS B 129 10.45 13.09 -29.88
C CYS B 129 9.87 13.44 -31.23
N SER B 130 8.75 12.82 -31.55
CA SER B 130 8.13 13.01 -32.83
C SER B 130 6.80 13.69 -32.56
N PRO B 131 6.03 14.00 -33.62
CA PRO B 131 4.72 14.52 -33.24
C PRO B 131 3.92 13.39 -32.61
N ARG B 132 3.01 13.72 -31.69
CA ARG B 132 2.17 12.70 -31.10
C ARG B 132 1.43 11.90 -32.16
N PRO B 133 1.13 10.62 -31.88
CA PRO B 133 0.40 9.87 -32.89
C PRO B 133 -1.06 10.31 -32.85
N GLU B 134 -1.76 10.22 -33.99
CA GLU B 134 -3.19 10.55 -34.00
C GLU B 134 -4.02 9.37 -33.49
N SER B 135 -3.49 8.17 -33.58
CA SER B 135 -4.22 7.02 -33.04
C SER B 135 -3.34 6.05 -32.23
N MET B 136 -3.68 5.88 -30.95
CA MET B 136 -2.93 4.97 -30.07
C MET B 136 -3.82 4.22 -29.07
N ALA B 137 -3.38 3.04 -28.67
CA ALA B 137 -4.14 2.27 -27.68
C ALA B 137 -3.25 1.72 -26.57
N ILE B 138 -3.74 1.84 -25.34
CA ILE B 138 -3.05 1.27 -24.18
C ILE B 138 -3.86 0.10 -23.61
N TYR B 139 -3.26 -1.09 -23.63
CA TYR B 139 -3.81 -2.28 -23.00
C TYR B 139 -2.96 -2.72 -21.81
N LYS B 140 -3.56 -3.47 -20.88
CA LYS B 140 -2.80 -4.13 -19.82
C LYS B 140 -2.99 -5.62 -19.95
N SER B 141 -2.01 -6.41 -19.50
CA SER B 141 -2.28 -7.82 -19.22
C SER B 141 -2.39 -7.91 -17.74
N MET B 142 -3.42 -8.58 -17.27
CA MET B 142 -3.57 -8.84 -15.84
C MET B 142 -3.05 -10.24 -15.41
N ASP B 143 -2.72 -11.10 -16.35
CA ASP B 143 -2.03 -12.29 -15.95
C ASP B 143 -0.83 -12.55 -16.83
N TYR B 144 0.30 -11.97 -16.45
CA TYR B 144 1.60 -12.31 -16.97
C TYR B 144 1.67 -12.57 -18.47
N GLY B 145 0.99 -11.73 -19.26
CA GLY B 145 1.06 -11.76 -20.72
C GLY B 145 0.05 -12.59 -21.52
N LYS B 146 -0.84 -13.32 -20.86
CA LYS B 146 -1.70 -14.24 -21.60
C LYS B 146 -2.91 -13.56 -22.27
N THR B 147 -3.61 -12.74 -21.49
CA THR B 147 -4.79 -12.06 -21.98
C THR B 147 -4.78 -10.56 -21.65
N TRP B 148 -5.16 -9.76 -22.64
CA TRP B 148 -5.14 -8.30 -22.54
C TRP B 148 -6.54 -7.68 -22.40
N VAL B 149 -6.63 -6.55 -21.73
CA VAL B 149 -7.85 -5.75 -21.74
C VAL B 149 -7.51 -4.29 -22.02
N PRO B 150 -8.45 -3.52 -22.56
CA PRO B 150 -8.03 -2.17 -22.93
C PRO B 150 -8.00 -1.26 -21.71
N PHE B 151 -7.06 -0.35 -21.71
CA PHE B 151 -6.92 0.59 -20.61
C PHE B 151 -7.45 1.91 -21.11
N GLN B 152 -6.84 2.42 -22.18
CA GLN B 152 -7.31 3.67 -22.74
C GLN B 152 -7.12 3.67 -24.25
N PHE B 153 -7.86 4.57 -24.91
CA PHE B 153 -7.87 4.71 -26.36
C PHE B 153 -7.78 6.21 -26.73
N TYR B 154 -6.85 6.54 -27.60
CA TYR B 154 -6.74 7.89 -28.11
C TYR B 154 -6.88 7.94 -29.66
N SER B 155 -7.82 8.76 -30.14
CA SER B 155 -8.05 8.93 -31.57
C SER B 155 -8.76 10.21 -31.90
N THR B 156 -8.67 10.66 -33.16
CA THR B 156 -9.59 11.69 -33.68
C THR B 156 -10.89 11.05 -34.13
N GLN B 157 -10.80 9.84 -34.68
CA GLN B 157 -11.99 9.07 -34.98
C GLN B 157 -12.01 7.82 -34.14
N CYS B 158 -12.79 7.85 -33.08
CA CYS B 158 -12.80 6.72 -32.14
C CYS B 158 -13.69 5.61 -32.64
N ARG B 159 -14.84 6.02 -33.18
CA ARG B 159 -15.82 5.09 -33.68
C ARG B 159 -15.21 4.38 -34.88
N LYS B 160 -14.42 5.10 -35.66
CA LYS B 160 -13.85 4.51 -36.86
C LYS B 160 -12.73 3.54 -36.56
N MET B 161 -11.75 4.03 -35.80
CA MET B 161 -10.51 3.29 -35.57
C MET B 161 -10.60 2.14 -34.59
N TYR B 162 -11.10 2.45 -33.41
CA TYR B 162 -11.23 1.47 -32.33
C TYR B 162 -12.65 0.97 -32.07
N ASN B 163 -13.60 1.43 -32.87
CA ASN B 163 -15.00 1.05 -32.68
C ASN B 163 -15.57 1.50 -31.34
N LYS B 164 -15.02 2.56 -30.78
CA LYS B 164 -15.47 3.01 -29.47
C LYS B 164 -16.12 4.38 -29.55
N PRO B 165 -17.39 4.49 -29.12
CA PRO B 165 -17.97 5.83 -29.12
C PRO B 165 -17.15 6.69 -28.17
N SER B 166 -16.69 7.84 -28.64
CA SER B 166 -15.73 8.62 -27.87
C SER B 166 -16.40 9.31 -26.70
N ARG B 167 -15.70 9.35 -25.58
CA ARG B 167 -16.08 10.08 -24.39
C ARG B 167 -17.33 9.59 -23.68
N ALA B 168 -17.55 8.29 -23.71
CA ALA B 168 -18.61 7.66 -22.95
C ALA B 168 -18.56 8.06 -21.49
N ALA B 169 -19.68 8.52 -20.93
CA ALA B 169 -19.68 8.85 -19.52
C ALA B 169 -19.55 7.55 -18.76
N ILE B 170 -18.73 7.58 -17.71
CA ILE B 170 -18.43 6.40 -16.90
C ILE B 170 -19.32 6.37 -15.65
N THR B 171 -20.17 5.33 -15.53
CA THR B 171 -21.02 5.20 -14.35
C THR B 171 -20.43 4.25 -13.32
N LYS B 172 -21.12 4.11 -12.20
CA LYS B 172 -20.74 3.15 -11.18
C LYS B 172 -20.79 1.72 -11.75
N GLN B 173 -21.66 1.49 -12.72
CA GLN B 173 -21.85 0.15 -13.22
C GLN B 173 -20.93 -0.19 -14.39
N ASN B 174 -20.19 0.79 -14.88
CA ASN B 174 -18.96 0.46 -15.60
C ASN B 174 -17.84 1.38 -15.14
N GLU B 175 -17.00 0.94 -14.20
CA GLU B 175 -15.88 1.79 -13.86
C GLU B 175 -14.67 1.26 -14.56
N GLN B 176 -14.81 0.10 -15.17
CA GLN B 176 -13.70 -0.56 -15.81
C GLN B 176 -13.66 -0.35 -17.31
N GLU B 177 -14.62 0.43 -17.82
CA GLU B 177 -14.76 0.62 -19.25
C GLU B 177 -13.65 1.46 -19.86
N ALA B 178 -13.05 0.96 -20.94
CA ALA B 178 -11.98 1.67 -21.62
C ALA B 178 -12.51 2.83 -22.42
N ILE B 179 -12.06 4.05 -22.10
CA ILE B 179 -12.57 5.19 -22.84
C ILE B 179 -11.67 5.60 -24.03
N CYS B 180 -12.31 6.01 -25.14
CA CYS B 180 -11.62 6.61 -26.27
C CYS B 180 -11.91 8.07 -26.20
N THR B 181 -10.89 8.87 -26.51
CA THR B 181 -10.98 10.33 -26.37
C THR B 181 -10.02 10.97 -27.35
N ASP B 182 -10.21 12.26 -27.62
CA ASP B 182 -9.37 12.94 -28.60
C ASP B 182 -8.21 13.66 -27.93
N SER B 183 -8.08 13.51 -26.62
CA SER B 183 -7.10 14.27 -25.86
C SER B 183 -5.66 13.91 -26.20
N HIS B 184 -4.79 14.91 -26.18
CA HIS B 184 -3.36 14.69 -26.42
C HIS B 184 -3.09 14.12 -27.81
N THR B 185 -3.98 14.39 -28.77
CA THR B 185 -3.77 13.93 -30.14
C THR B 185 -3.19 14.98 -31.09
N ASP B 186 -3.02 16.20 -30.62
CA ASP B 186 -2.54 17.29 -31.46
C ASP B 186 -1.14 17.05 -31.98
N VAL B 187 -0.96 17.29 -33.27
CA VAL B 187 0.34 17.20 -33.91
C VAL B 187 1.31 18.22 -33.30
N ARG B 188 0.78 19.16 -32.53
CA ARG B 188 1.61 20.11 -31.79
C ARG B 188 1.59 19.82 -30.29
N PRO B 189 2.77 19.69 -29.66
CA PRO B 189 4.12 19.93 -30.17
C PRO B 189 4.63 18.89 -31.14
N LEU B 190 5.44 19.35 -32.08
CA LEU B 190 5.98 18.49 -33.12
C LEU B 190 7.14 17.68 -32.55
N SER B 191 7.55 18.04 -31.35
CA SER B 191 8.54 17.27 -30.61
C SER B 191 8.40 17.49 -29.11
N GLY B 192 8.69 16.46 -28.33
CA GLY B 192 8.66 16.58 -26.89
C GLY B 192 7.27 16.53 -26.30
N GLY B 193 6.33 15.95 -27.03
CA GLY B 193 4.94 16.01 -26.58
C GLY B 193 4.54 14.85 -25.68
N LEU B 194 3.51 15.04 -24.87
CA LEU B 194 3.20 14.03 -23.84
C LEU B 194 1.89 13.31 -24.01
N ILE B 195 1.83 12.09 -23.48
CA ILE B 195 0.55 11.39 -23.30
C ILE B 195 0.55 10.79 -21.92
N ALA B 196 -0.38 11.20 -21.07
CA ALA B 196 -0.41 10.65 -19.72
C ALA B 196 -1.78 10.13 -19.35
N PHE B 197 -1.90 8.80 -19.29
CA PHE B 197 -3.14 8.15 -18.92
C PHE B 197 -3.24 8.03 -17.42
N SER B 198 -4.35 8.45 -16.85
CA SER B 198 -4.54 8.31 -15.44
C SER B 198 -5.67 7.34 -15.16
N THR B 199 -5.34 6.15 -14.68
CA THR B 199 -6.32 5.08 -14.53
C THR B 199 -7.44 5.41 -13.56
N LEU B 200 -7.25 6.42 -12.74
CA LEU B 200 -8.32 6.77 -11.84
C LEU B 200 -9.14 7.96 -12.30
N ASP B 201 -8.77 8.53 -13.44
CA ASP B 201 -9.42 9.74 -13.95
C ASP B 201 -10.88 9.50 -14.30
N GLY B 202 -11.74 10.30 -13.69
CA GLY B 202 -13.17 10.19 -13.90
C GLY B 202 -13.87 8.88 -13.59
N ARG B 203 -13.22 7.98 -12.84
CA ARG B 203 -13.97 6.86 -12.32
C ARG B 203 -14.81 7.41 -11.18
N PRO B 204 -16.06 6.98 -11.08
CA PRO B 204 -17.00 7.44 -10.06
C PRO B 204 -16.55 7.21 -8.62
N THR B 205 -16.12 6.00 -8.32
CA THR B 205 -15.77 5.65 -6.94
C THR B 205 -14.29 5.90 -6.58
N ALA B 206 -13.58 6.60 -7.45
CA ALA B 206 -12.14 6.88 -7.30
C ALA B 206 -11.73 7.61 -6.03
N HIS B 207 -12.65 8.20 -5.29
CA HIS B 207 -12.32 8.71 -3.98
C HIS B 207 -12.37 7.57 -2.95
N ASP B 208 -13.12 6.53 -3.28
CA ASP B 208 -13.28 5.39 -2.39
C ASP B 208 -12.37 4.20 -2.65
N PHE B 209 -11.33 4.42 -3.43
CA PHE B 209 -10.48 3.35 -3.92
C PHE B 209 -10.10 2.31 -2.87
N ASP B 210 -9.85 2.76 -1.65
CA ASP B 210 -9.56 1.84 -0.55
C ASP B 210 -10.69 0.83 -0.29
N ASN B 211 -11.94 1.27 -0.40
CA ASN B 211 -13.09 0.40 -0.24
C ASN B 211 -13.79 -0.13 -1.51
N SER B 212 -13.23 0.14 -2.69
CA SER B 212 -13.82 -0.39 -3.92
C SER B 212 -12.98 -1.43 -4.67
N PRO B 213 -13.36 -2.71 -4.55
CA PRO B 213 -12.63 -3.84 -5.15
C PRO B 213 -12.52 -3.74 -6.65
N VAL B 214 -13.57 -3.26 -7.30
CA VAL B 214 -13.58 -3.18 -8.76
C VAL B 214 -12.51 -2.20 -9.23
N LEU B 215 -12.32 -1.11 -8.50
CA LEU B 215 -11.32 -0.13 -8.89
C LEU B 215 -9.90 -0.62 -8.56
N GLN B 216 -9.75 -1.25 -7.39
CA GLN B 216 -8.49 -1.89 -7.02
C GLN B 216 -8.11 -2.92 -8.07
N ASP B 217 -9.12 -3.57 -8.62
CA ASP B 217 -8.90 -4.55 -9.66
C ASP B 217 -8.52 -3.87 -10.97
N TRP B 218 -9.28 -2.83 -11.32
CA TRP B 218 -9.06 -2.02 -12.52
C TRP B 218 -7.62 -1.53 -12.62
N VAL B 219 -7.04 -1.18 -11.49
CA VAL B 219 -5.70 -0.61 -11.46
C VAL B 219 -4.56 -1.66 -11.60
N THR B 220 -4.84 -2.90 -11.22
CA THR B 220 -3.81 -3.96 -11.19
C THR B 220 -3.32 -4.41 -12.58
N ALA B 221 -2.01 -4.41 -12.81
CA ALA B 221 -1.47 -4.96 -14.05
C ALA B 221 -0.11 -5.68 -13.89
N THR B 222 0.05 -6.82 -14.56
CA THR B 222 1.37 -7.40 -14.71
C THR B 222 2.08 -6.93 -15.96
N ASP B 223 1.35 -6.40 -16.92
CA ASP B 223 1.95 -5.99 -18.19
C ASP B 223 1.27 -4.77 -18.82
N ILE B 224 2.02 -4.04 -19.64
CA ILE B 224 1.49 -2.89 -20.36
C ILE B 224 1.91 -2.89 -21.83
N LYS B 225 0.92 -2.85 -22.72
CA LYS B 225 1.14 -2.83 -24.16
C LYS B 225 0.60 -1.53 -24.79
N VAL B 226 1.43 -0.84 -25.55
CA VAL B 226 1.05 0.38 -26.23
C VAL B 226 1.10 0.13 -27.74
N THR B 227 0.03 0.42 -28.48
CA THR B 227 0.11 0.31 -29.93
C THR B 227 -0.17 1.66 -30.58
N PHE B 228 0.77 2.10 -31.41
CA PHE B 228 0.57 3.27 -32.26
C PHE B 228 -0.15 2.83 -33.55
N SER B 229 -1.29 3.44 -33.83
CA SER B 229 -2.08 3.06 -35.00
C SER B 229 -1.97 4.04 -36.20
N ARG B 230 -2.36 5.29 -36.00
CA ARG B 230 -2.17 6.28 -37.05
C ARG B 230 -1.24 7.44 -36.64
N LEU B 231 -0.40 7.83 -37.61
CA LEU B 231 0.44 9.02 -37.49
C LEU B 231 -0.30 10.29 -37.92
N HIS B 232 0.41 11.40 -38.05
CA HIS B 232 -0.19 12.62 -38.58
C HIS B 232 0.28 12.86 -40.00
N THR B 233 -0.64 13.37 -40.83
CA THR B 233 -0.41 13.59 -42.24
C THR B 233 0.69 14.60 -42.55
N PHE B 234 0.50 15.84 -42.10
CA PHE B 234 1.37 16.97 -42.45
C PHE B 234 1.72 17.07 -43.95
N ASP B 240 0.79 13.73 -48.48
CA ASP B 240 1.73 13.60 -49.58
C ASP B 240 2.27 12.17 -49.67
N ASP B 241 2.53 11.70 -50.90
CA ASP B 241 3.17 10.38 -51.07
C ASP B 241 4.67 10.26 -51.43
N SER B 242 5.41 11.35 -51.49
CA SER B 242 6.80 11.29 -51.96
C SER B 242 7.68 10.51 -50.96
N GLU B 243 8.95 10.30 -51.30
CA GLU B 243 9.80 9.52 -50.42
C GLU B 243 10.34 10.33 -49.25
N LEU B 244 10.45 11.65 -49.46
CA LEU B 244 10.74 12.56 -48.36
C LEU B 244 9.60 12.48 -47.37
N ALA B 245 8.39 12.49 -47.90
CA ALA B 245 7.18 12.40 -47.09
C ALA B 245 7.18 11.10 -46.29
N ARG B 246 7.59 10.01 -46.93
CA ARG B 246 7.55 8.71 -46.28
C ARG B 246 8.63 8.63 -45.20
N ASP B 247 9.79 9.20 -45.50
CA ASP B 247 10.91 9.18 -44.57
C ASP B 247 10.69 10.08 -43.37
N SER B 248 9.67 10.93 -43.45
CA SER B 248 9.31 11.78 -42.33
C SER B 248 8.25 11.17 -41.44
N TYR B 249 7.66 10.06 -41.86
CA TYR B 249 6.60 9.42 -41.10
C TYR B 249 7.16 8.32 -40.21
N PHE B 250 7.14 8.53 -38.89
CA PHE B 250 7.60 7.51 -37.97
C PHE B 250 7.25 7.83 -36.54
N TYR B 251 7.57 6.92 -35.63
CA TYR B 251 7.36 7.17 -34.21
C TYR B 251 8.67 7.36 -33.46
N ALA B 252 8.71 8.33 -32.54
CA ALA B 252 9.85 8.46 -31.67
C ALA B 252 9.43 8.79 -30.25
N VAL B 253 9.81 7.94 -29.31
CA VAL B 253 9.54 8.12 -27.89
C VAL B 253 10.84 8.25 -27.10
N SER B 254 10.96 9.33 -26.33
CA SER B 254 12.13 9.58 -25.51
C SER B 254 12.08 8.86 -24.15
N ASP B 255 10.89 8.74 -23.58
CA ASP B 255 10.73 8.09 -22.29
C ASP B 255 9.36 7.44 -22.06
N LEU B 256 9.36 6.26 -21.44
CA LEU B 256 8.13 5.51 -21.18
C LEU B 256 8.06 5.19 -19.71
N GLN B 257 6.94 5.45 -19.06
CA GLN B 257 6.84 5.32 -17.64
C GLN B 257 5.55 4.67 -17.22
N VAL B 258 5.62 3.65 -16.38
CA VAL B 258 4.39 3.18 -15.76
C VAL B 258 4.46 3.47 -14.28
N GLY B 259 3.72 4.48 -13.84
CA GLY B 259 3.81 4.91 -12.46
C GLY B 259 2.79 4.25 -11.57
N GLY B 260 3.16 4.01 -10.33
CA GLY B 260 2.28 3.34 -9.39
C GLY B 260 3.10 2.56 -8.37
N ARG B 261 2.45 1.60 -7.72
CA ARG B 261 3.03 0.91 -6.59
C ARG B 261 2.99 -0.58 -6.78
N CYS B 262 3.75 -1.33 -5.97
CA CYS B 262 3.70 -2.78 -6.05
C CYS B 262 2.50 -3.23 -5.22
N LYS B 263 1.79 -4.25 -5.70
CA LYS B 263 0.54 -4.59 -5.04
C LYS B 263 0.80 -5.66 -4.00
N CYS B 264 0.88 -5.19 -2.76
CA CYS B 264 1.14 -6.03 -1.60
C CYS B 264 -0.03 -6.20 -0.65
N ASN B 265 -1.16 -5.63 -1.01
CA ASN B 265 -2.37 -5.72 -0.22
C ASN B 265 -2.27 -5.03 1.11
N GLY B 266 -1.41 -4.04 1.18
CA GLY B 266 -1.27 -3.25 2.38
C GLY B 266 -0.41 -3.96 3.40
N HIS B 267 0.01 -5.17 3.04
CA HIS B 267 0.79 -6.10 3.86
C HIS B 267 2.31 -6.15 3.61
N ALA B 268 2.81 -5.25 2.76
CA ALA B 268 4.27 -5.04 2.65
C ALA B 268 4.61 -3.60 2.29
N SER B 269 5.78 -3.14 2.70
CA SER B 269 6.32 -1.89 2.23
C SER B 269 7.36 -2.09 1.13
N ARG B 270 7.61 -3.32 0.72
CA ARG B 270 8.65 -3.57 -0.26
C ARG B 270 8.37 -4.80 -1.10
N CYS B 271 9.06 -4.86 -2.22
CA CYS B 271 9.00 -5.97 -3.15
C CYS B 271 10.45 -6.29 -3.44
N VAL B 272 10.80 -7.55 -3.49
CA VAL B 272 12.19 -7.93 -3.72
C VAL B 272 12.24 -9.19 -4.56
N ARG B 273 13.44 -9.62 -4.92
CA ARG B 273 13.57 -10.90 -5.59
C ARG B 273 13.60 -12.07 -4.59
N ASP B 274 13.08 -13.22 -5.03
CA ASP B 274 13.12 -14.43 -4.23
C ASP B 274 14.06 -15.44 -4.88
N ARG B 275 14.10 -16.67 -4.34
CA ARG B 275 15.08 -17.68 -4.76
C ARG B 275 15.11 -17.90 -6.28
N ASP B 276 13.95 -17.70 -6.91
CA ASP B 276 13.76 -17.90 -8.34
C ASP B 276 14.03 -16.63 -9.16
N ASP B 277 14.47 -15.56 -8.49
CA ASP B 277 14.70 -14.26 -9.13
C ASP B 277 13.37 -13.68 -9.65
N ASN B 278 12.26 -14.17 -9.09
CA ASN B 278 10.96 -13.52 -9.28
C ASN B 278 10.80 -12.36 -8.29
N LEU B 279 10.01 -11.36 -8.67
CA LEU B 279 9.74 -10.25 -7.78
C LEU B 279 8.47 -10.49 -6.98
N VAL B 280 8.60 -10.48 -5.65
CA VAL B 280 7.49 -10.75 -4.75
C VAL B 280 7.42 -9.69 -3.66
N CYS B 281 6.26 -9.54 -3.01
CA CYS B 281 6.16 -8.62 -1.87
C CYS B 281 6.97 -9.17 -0.67
N ASP B 282 7.66 -8.30 0.06
CA ASP B 282 8.36 -8.76 1.24
C ASP B 282 7.32 -8.62 2.32
N CYS B 283 6.62 -9.72 2.61
CA CYS B 283 5.35 -9.64 3.30
C CYS B 283 5.54 -9.72 4.79
N LYS B 284 5.31 -8.63 5.51
CA LYS B 284 5.27 -8.84 6.92
C LYS B 284 3.91 -8.47 7.48
N HIS B 285 2.91 -9.32 7.30
CA HIS B 285 1.77 -9.44 8.22
C HIS B 285 1.45 -10.78 8.84
N ASN B 286 2.39 -11.73 8.72
CA ASN B 286 2.13 -13.17 8.80
C ASN B 286 1.32 -13.54 7.57
N THR B 287 1.65 -12.85 6.48
CA THR B 287 0.98 -13.05 5.21
C THR B 287 1.88 -13.86 4.28
N ALA B 288 1.40 -14.17 3.09
CA ALA B 288 2.13 -15.08 2.20
C ALA B 288 1.80 -14.87 0.74
N GLY B 289 2.47 -15.60 -0.13
CA GLY B 289 2.20 -15.49 -1.57
C GLY B 289 2.69 -14.18 -2.15
N PRO B 290 2.68 -14.04 -3.49
CA PRO B 290 3.38 -12.91 -4.10
C PRO B 290 2.67 -11.59 -3.83
N GLU B 291 1.36 -11.62 -3.64
CA GLU B 291 0.67 -10.38 -3.31
C GLU B 291 0.29 -10.16 -1.84
N CYS B 292 0.67 -11.10 -0.96
CA CYS B 292 0.19 -11.15 0.43
C CYS B 292 -1.32 -11.38 0.46
N ASP B 293 -1.78 -12.18 -0.50
CA ASP B 293 -3.20 -12.50 -0.65
C ASP B 293 -3.66 -13.54 0.37
N ARG B 294 -2.70 -14.23 1.00
CA ARG B 294 -3.05 -15.27 1.95
C ARG B 294 -2.25 -15.18 3.23
N CYS B 295 -2.73 -15.91 4.24
CA CYS B 295 -1.97 -16.07 5.46
C CYS B 295 -0.81 -17.00 5.22
N LYS B 296 0.31 -16.73 5.90
CA LYS B 296 1.43 -17.68 5.96
C LYS B 296 1.09 -18.81 6.92
N PRO B 297 1.61 -20.03 6.65
CA PRO B 297 1.25 -21.26 7.38
C PRO B 297 1.27 -21.20 8.92
N PHE B 298 0.32 -21.92 9.51
CA PHE B 298 0.04 -22.00 10.95
C PHE B 298 -0.41 -20.66 11.50
N HIS B 299 -0.80 -19.78 10.59
CA HIS B 299 -1.52 -18.54 10.92
C HIS B 299 -3.03 -18.49 10.57
N TYR B 300 -3.60 -19.67 10.32
CA TYR B 300 -4.94 -19.82 9.77
C TYR B 300 -6.07 -19.64 10.79
N ASP B 301 -5.76 -19.11 11.97
CA ASP B 301 -6.80 -18.78 12.94
C ASP B 301 -7.93 -17.93 12.36
N ARG B 302 -7.60 -16.82 11.71
CA ARG B 302 -8.67 -16.03 11.07
C ARG B 302 -8.44 -15.92 9.55
N PRO B 303 -9.52 -15.65 8.78
CA PRO B 303 -9.41 -15.59 7.32
C PRO B 303 -8.77 -14.28 6.86
N TRP B 304 -8.00 -14.39 5.77
CA TRP B 304 -7.17 -13.30 5.28
C TRP B 304 -7.99 -12.07 4.90
N GLN B 305 -7.50 -10.89 5.27
CA GLN B 305 -8.11 -9.65 4.80
C GLN B 305 -7.06 -8.76 4.14
N ARG B 306 -7.52 -7.90 3.21
CA ARG B 306 -6.69 -6.80 2.72
C ARG B 306 -6.56 -5.75 3.84
N ALA B 307 -5.45 -5.02 3.85
CA ALA B 307 -5.24 -4.03 4.89
C ALA B 307 -6.11 -2.78 4.67
N THR B 308 -6.70 -2.31 5.76
CA THR B 308 -7.53 -1.11 5.74
C THR B 308 -6.80 -0.01 6.50
N ALA B 309 -7.05 1.24 6.14
CA ALA B 309 -6.55 2.38 6.90
C ALA B 309 -6.96 2.29 8.36
N ARG B 310 -8.21 1.91 8.61
CA ARG B 310 -8.73 1.81 9.98
C ARG B 310 -8.31 0.52 10.70
N GLU B 311 -8.38 -0.62 10.01
CA GLU B 311 -8.04 -1.90 10.63
C GLU B 311 -7.02 -2.67 9.79
N ALA B 312 -5.79 -2.80 10.28
CA ALA B 312 -4.80 -3.65 9.61
C ALA B 312 -5.30 -5.02 9.91
N ASN B 313 -5.27 -5.93 8.95
CA ASN B 313 -5.68 -7.27 9.33
C ASN B 313 -4.62 -8.30 9.06
N GLU B 314 -3.95 -8.74 10.13
CA GLU B 314 -2.81 -9.64 9.99
C GLU B 314 -3.29 -11.04 10.35
N CYS B 315 -2.77 -12.04 9.67
CA CYS B 315 -3.12 -13.40 10.03
C CYS B 315 -2.60 -13.70 11.44
N VAL B 316 -3.44 -14.34 12.26
CA VAL B 316 -3.07 -14.63 13.63
C VAL B 316 -2.63 -16.09 13.76
N ALA B 317 -1.56 -16.33 14.53
CA ALA B 317 -1.14 -17.70 14.77
C ALA B 317 -2.14 -18.36 15.71
N CYS B 318 -2.56 -19.57 15.35
CA CYS B 318 -3.42 -20.36 16.22
C CYS B 318 -2.58 -21.13 17.24
N ASN B 319 -3.16 -21.34 18.41
CA ASN B 319 -2.44 -21.92 19.54
C ASN B 319 -2.55 -23.45 19.57
N CYS B 320 -1.44 -24.13 19.31
CA CYS B 320 -1.36 -25.59 19.42
C CYS B 320 -0.64 -26.18 20.65
N ASN B 321 -0.10 -25.31 21.49
CA ASN B 321 0.73 -25.72 22.61
C ASN B 321 1.84 -26.68 22.26
N LEU B 322 2.56 -26.40 21.17
CA LEU B 322 3.73 -27.18 20.77
C LEU B 322 3.47 -28.61 20.31
N HIS B 323 2.20 -29.03 20.38
CA HIS B 323 1.86 -30.42 20.07
C HIS B 323 1.36 -30.64 18.65
N ALA B 324 1.17 -29.56 17.90
CA ALA B 324 0.79 -29.68 16.49
C ALA B 324 1.71 -28.84 15.63
N ARG B 325 2.17 -29.41 14.52
CA ARG B 325 3.01 -28.69 13.57
C ARG B 325 2.19 -28.17 12.38
N ARG B 326 0.89 -28.40 12.41
CA ARG B 326 0.00 -28.03 11.31
C ARG B 326 -1.33 -27.47 11.84
N CYS B 327 -2.07 -26.79 10.97
CA CYS B 327 -3.20 -25.97 11.38
C CYS B 327 -4.23 -25.91 10.25
N ARG B 328 -5.52 -25.75 10.56
CA ARG B 328 -6.51 -25.50 9.51
C ARG B 328 -7.67 -24.65 10.01
N PHE B 329 -8.19 -23.78 9.16
CA PHE B 329 -9.27 -22.88 9.54
C PHE B 329 -10.63 -23.56 9.44
N ASN B 330 -11.53 -23.22 10.36
CA ASN B 330 -12.87 -23.76 10.36
C ASN B 330 -13.90 -22.65 10.43
N MET B 331 -14.66 -22.48 9.35
CA MET B 331 -15.61 -21.38 9.25
C MET B 331 -16.72 -21.51 10.27
N GLU B 332 -17.18 -22.74 10.47
CA GLU B 332 -18.23 -23.00 11.44
C GLU B 332 -17.79 -22.57 12.83
N LEU B 333 -16.55 -22.94 13.19
CA LEU B 333 -15.98 -22.59 14.49
C LEU B 333 -15.89 -21.08 14.64
N TYR B 334 -15.31 -20.44 13.64
CA TYR B 334 -15.20 -18.98 13.58
C TYR B 334 -16.55 -18.33 13.90
N LYS B 335 -17.53 -18.62 13.05
CA LYS B 335 -18.86 -18.06 13.18
C LYS B 335 -19.48 -18.39 14.54
N LEU B 336 -19.11 -19.53 15.09
CA LEU B 336 -19.68 -20.00 16.35
C LEU B 336 -19.08 -19.30 17.56
N SER B 337 -17.80 -18.94 17.47
CA SER B 337 -17.04 -18.46 18.61
C SER B 337 -17.11 -16.95 18.82
N GLY B 338 -18.00 -16.30 18.09
CA GLY B 338 -18.24 -14.89 18.32
C GLY B 338 -17.60 -14.04 17.25
N ARG B 339 -17.24 -14.70 16.16
CA ARG B 339 -16.63 -14.04 14.99
C ARG B 339 -15.25 -13.46 15.30
N LYS B 340 -14.53 -14.10 16.22
CA LYS B 340 -13.15 -13.74 16.50
C LYS B 340 -12.23 -14.84 15.98
N SER B 341 -12.20 -15.94 16.71
CA SER B 341 -11.44 -17.13 16.34
C SER B 341 -12.50 -18.19 16.09
N GLY B 342 -12.20 -19.22 15.30
CA GLY B 342 -10.91 -19.38 14.68
C GLY B 342 -10.55 -20.76 14.16
N GLY B 343 -9.25 -21.02 14.15
CA GLY B 343 -8.72 -22.25 13.59
C GLY B 343 -8.52 -23.35 14.61
N VAL B 344 -8.25 -24.55 14.08
CA VAL B 344 -8.03 -25.72 14.92
C VAL B 344 -6.74 -26.45 14.53
N CYS B 345 -6.05 -26.99 15.53
CA CYS B 345 -4.77 -27.65 15.32
C CYS B 345 -5.03 -29.04 14.75
N LEU B 346 -4.06 -29.59 14.02
CA LEU B 346 -4.41 -30.74 13.19
C LEU B 346 -4.23 -32.10 13.82
N ASN B 347 -3.02 -32.61 13.92
CA ASN B 347 -2.88 -33.85 14.66
C ASN B 347 -1.87 -33.72 15.78
N CYS B 348 -2.38 -33.69 17.00
CA CYS B 348 -1.56 -33.34 18.13
C CYS B 348 -0.72 -34.54 18.55
N ARG B 349 0.60 -34.38 18.51
CA ARG B 349 1.51 -35.41 18.97
C ARG B 349 1.47 -35.41 20.49
N HIS B 350 2.32 -36.26 21.09
CA HIS B 350 2.56 -36.25 22.54
C HIS B 350 1.28 -36.45 23.31
N ASN B 351 0.41 -37.26 22.71
CA ASN B 351 -0.80 -37.80 23.34
C ASN B 351 -1.80 -36.76 23.81
N THR B 352 -1.92 -35.70 23.04
CA THR B 352 -2.77 -34.57 23.39
C THR B 352 -3.91 -34.54 22.39
N ALA B 353 -5.03 -33.93 22.77
CA ALA B 353 -6.18 -33.89 21.87
C ALA B 353 -6.71 -32.47 21.61
N GLY B 354 -7.01 -32.17 20.34
CA GLY B 354 -7.38 -30.83 19.90
C GLY B 354 -8.66 -30.33 20.56
N ARG B 355 -9.11 -29.10 20.31
CA ARG B 355 -8.70 -28.20 19.21
C ARG B 355 -7.28 -27.69 19.26
N HIS B 356 -6.89 -27.19 20.43
CA HIS B 356 -5.58 -26.57 20.63
C HIS B 356 -4.56 -27.58 21.17
N CYS B 357 -4.96 -28.83 21.26
CA CYS B 357 -4.19 -29.85 21.98
C CYS B 357 -4.08 -29.41 23.43
N HIS B 358 -5.17 -28.84 23.94
CA HIS B 358 -5.20 -28.21 25.27
C HIS B 358 -5.46 -29.19 26.42
N TYR B 359 -5.60 -30.47 26.09
CA TYR B 359 -5.66 -31.52 27.09
C TYR B 359 -5.06 -32.82 26.60
N CYS B 360 -5.05 -33.80 27.48
CA CYS B 360 -4.47 -35.10 27.20
C CYS B 360 -5.54 -36.02 26.65
N LYS B 361 -5.17 -36.81 25.65
CA LYS B 361 -6.13 -37.63 24.92
C LYS B 361 -6.85 -38.56 25.87
N GLU B 362 -8.08 -38.89 25.55
CA GLU B 362 -8.81 -39.89 26.30
C GLU B 362 -7.93 -41.15 26.25
N GLY B 363 -7.68 -41.72 27.43
CA GLY B 363 -6.71 -42.78 27.60
C GLY B 363 -5.45 -42.31 28.31
N PHE B 364 -5.43 -41.03 28.68
CA PHE B 364 -4.26 -40.42 29.31
C PHE B 364 -4.68 -39.46 30.43
N TYR B 365 -3.73 -38.97 31.21
CA TYR B 365 -4.05 -37.94 32.20
C TYR B 365 -2.97 -36.86 32.35
N ARG B 366 -3.22 -35.88 33.21
CA ARG B 366 -2.34 -34.73 33.33
C ARG B 366 -1.15 -34.97 34.28
N ASP B 367 0.02 -34.46 33.91
CA ASP B 367 1.20 -34.52 34.76
C ASP B 367 1.07 -33.51 35.90
N LEU B 368 0.68 -32.29 35.55
CA LEU B 368 0.49 -31.17 36.49
C LEU B 368 1.78 -30.62 37.09
N SER B 369 2.88 -31.38 36.95
CA SER B 369 4.22 -30.90 37.33
C SER B 369 4.86 -30.21 36.12
N LYS B 370 4.08 -30.15 35.04
CA LYS B 370 4.44 -29.42 33.83
C LYS B 370 3.18 -28.71 33.37
N PRO B 371 3.32 -27.59 32.63
CA PRO B 371 2.06 -27.05 32.15
C PRO B 371 1.67 -27.72 30.82
N ILE B 372 0.47 -27.43 30.33
CA ILE B 372 -0.16 -28.19 29.24
C ILE B 372 0.69 -28.16 27.95
N SER B 373 1.64 -27.25 27.94
CA SER B 373 2.52 -27.03 26.80
C SER B 373 3.65 -28.05 26.72
N HIS B 374 4.11 -28.53 27.88
CA HIS B 374 5.33 -29.34 27.94
C HIS B 374 5.19 -30.72 27.27
N ARG B 375 6.30 -31.22 26.72
CA ARG B 375 6.33 -32.49 25.97
C ARG B 375 5.68 -33.63 26.75
N LYS B 376 6.11 -33.76 27.99
CA LYS B 376 5.64 -34.83 28.88
C LYS B 376 4.47 -34.45 29.81
N ALA B 377 3.86 -33.29 29.55
CA ALA B 377 2.66 -32.88 30.28
C ALA B 377 1.52 -33.88 30.09
N CYS B 378 1.65 -34.74 29.10
CA CYS B 378 0.69 -35.83 29.00
C CYS B 378 1.27 -37.12 29.56
N LYS B 379 0.74 -37.50 30.73
CA LYS B 379 1.22 -38.67 31.45
C LYS B 379 0.32 -39.88 31.18
N GLU B 380 0.95 -41.04 31.05
CA GLU B 380 0.25 -42.29 30.77
C GLU B 380 -0.77 -42.59 31.86
N CYS B 381 -2.01 -42.85 31.46
CA CYS B 381 -3.04 -43.22 32.40
C CYS B 381 -3.25 -44.73 32.29
N ASP B 382 -2.76 -45.43 33.32
CA ASP B 382 -2.66 -46.88 33.26
C ASP B 382 -3.71 -47.45 34.17
N CYS B 383 -4.68 -48.14 33.56
CA CYS B 383 -5.75 -48.72 34.31
C CYS B 383 -5.56 -50.22 34.27
N HIS B 384 -6.03 -50.90 35.31
CA HIS B 384 -5.80 -52.34 35.39
C HIS B 384 -6.77 -53.12 34.52
N PRO B 385 -6.22 -53.98 33.64
CA PRO B 385 -6.97 -54.79 32.67
C PRO B 385 -8.17 -55.51 33.28
N VAL B 386 -8.04 -55.91 34.55
CA VAL B 386 -9.10 -56.60 35.29
C VAL B 386 -9.84 -55.65 36.22
N GLY B 387 -9.12 -55.03 37.13
CA GLY B 387 -9.74 -54.18 38.12
C GLY B 387 -10.52 -53.01 37.55
N ALA B 388 -10.18 -52.56 36.35
CA ALA B 388 -10.81 -51.36 35.80
C ALA B 388 -11.95 -51.65 34.80
N ALA B 389 -13.01 -50.85 34.90
CA ALA B 389 -14.18 -51.02 34.03
C ALA B 389 -13.96 -50.35 32.67
N GLY B 390 -12.88 -49.58 32.55
CA GLY B 390 -12.58 -48.85 31.34
C GLY B 390 -11.13 -48.42 31.29
N GLN B 391 -10.71 -47.84 30.18
CA GLN B 391 -9.31 -47.46 30.00
C GLN B 391 -8.99 -45.98 30.29
N THR B 392 -9.97 -45.20 30.73
CA THR B 392 -9.78 -43.75 30.87
C THR B 392 -9.64 -43.19 32.29
N CYS B 393 -8.54 -42.49 32.53
CA CYS B 393 -8.32 -41.76 33.78
C CYS B 393 -9.33 -40.65 33.98
N ASN B 394 -9.42 -40.17 35.21
CA ASN B 394 -9.90 -38.83 35.43
C ASN B 394 -8.72 -37.97 34.99
N GLN B 395 -9.03 -36.88 34.27
CA GLN B 395 -8.04 -36.03 33.62
C GLN B 395 -6.90 -35.60 34.56
N THR B 396 -7.25 -35.12 35.73
CA THR B 396 -6.26 -34.59 36.69
C THR B 396 -5.98 -35.54 37.85
N THR B 397 -7.02 -35.86 38.63
CA THR B 397 -6.89 -36.65 39.85
C THR B 397 -6.08 -37.96 39.70
N GLY B 398 -6.19 -38.60 38.54
CA GLY B 398 -5.40 -39.77 38.23
C GLY B 398 -6.22 -41.04 38.33
N GLN B 399 -7.46 -40.87 38.74
CA GLN B 399 -8.38 -41.98 39.04
C GLN B 399 -8.63 -42.83 37.80
N CYS B 400 -9.02 -44.08 37.99
CA CYS B 400 -9.51 -44.88 36.88
C CYS B 400 -10.93 -45.33 37.19
N PRO B 401 -11.69 -45.77 36.18
CA PRO B 401 -13.04 -46.29 36.42
C PRO B 401 -12.98 -47.71 36.98
N CYS B 402 -12.78 -47.80 38.29
CA CYS B 402 -12.71 -49.07 38.97
C CYS B 402 -14.07 -49.79 38.89
N LYS B 403 -14.05 -51.12 38.93
CA LYS B 403 -15.28 -51.90 38.91
C LYS B 403 -15.89 -51.92 40.31
N ASP B 404 -16.89 -52.78 40.49
CA ASP B 404 -17.74 -52.76 41.68
C ASP B 404 -17.00 -52.74 43.02
N GLY B 405 -16.15 -53.73 43.24
CA GLY B 405 -15.48 -53.91 44.51
C GLY B 405 -14.01 -53.56 44.55
N VAL B 406 -13.51 -52.86 43.52
CA VAL B 406 -12.08 -52.57 43.45
C VAL B 406 -11.76 -51.12 43.89
N THR B 407 -10.46 -50.82 44.01
CA THR B 407 -9.99 -49.53 44.54
C THR B 407 -8.52 -49.20 44.17
N GLY B 408 -8.12 -47.94 44.36
CA GLY B 408 -6.80 -47.46 43.99
C GLY B 408 -6.76 -46.51 42.78
N ILE B 409 -5.56 -46.11 42.36
CA ILE B 409 -5.42 -45.21 41.22
C ILE B 409 -5.68 -45.96 39.91
N THR B 410 -4.78 -46.86 39.53
CA THR B 410 -5.16 -47.92 38.62
C THR B 410 -6.01 -48.77 39.53
N CYS B 411 -6.89 -49.63 39.03
CA CYS B 411 -7.58 -50.43 40.03
C CYS B 411 -6.95 -51.82 40.10
N ASN B 412 -5.99 -52.00 41.02
CA ASN B 412 -5.39 -53.31 41.21
C ASN B 412 -5.72 -54.06 42.49
N ARG B 413 -6.47 -53.46 43.40
CA ARG B 413 -6.74 -54.13 44.66
C ARG B 413 -8.20 -54.02 45.09
N CYS B 414 -8.71 -55.06 45.72
CA CYS B 414 -10.05 -55.04 46.25
C CYS B 414 -10.12 -54.23 47.54
N ALA B 415 -11.21 -53.49 47.70
CA ALA B 415 -11.40 -52.63 48.84
C ALA B 415 -11.54 -53.44 50.12
N LYS B 416 -11.35 -52.77 51.25
CA LYS B 416 -11.55 -53.38 52.55
C LYS B 416 -12.96 -53.99 52.65
N GLY B 417 -13.02 -55.28 52.99
CA GLY B 417 -14.28 -55.99 53.07
C GLY B 417 -14.48 -56.85 51.84
N TYR B 418 -13.51 -56.80 50.93
CA TYR B 418 -13.64 -57.51 49.67
C TYR B 418 -12.47 -58.43 49.38
N GLN B 419 -12.72 -59.44 48.57
CA GLN B 419 -11.65 -60.30 48.07
C GLN B 419 -11.90 -60.76 46.63
N GLN B 420 -10.80 -61.06 45.94
CA GLN B 420 -10.83 -61.45 44.53
C GLN B 420 -11.56 -62.75 44.22
N SER B 421 -12.08 -62.85 42.99
CA SER B 421 -12.75 -64.06 42.53
C SER B 421 -12.08 -64.62 41.27
N ARG B 422 -12.56 -65.76 40.78
CA ARG B 422 -11.96 -66.36 39.59
C ARG B 422 -12.50 -65.72 38.33
N SER B 423 -13.45 -64.80 38.50
CA SER B 423 -14.13 -64.14 37.38
C SER B 423 -13.49 -62.81 37.01
N PRO B 424 -12.87 -62.76 35.83
CA PRO B 424 -12.28 -61.54 35.27
C PRO B 424 -13.31 -60.43 35.06
N ILE B 425 -14.58 -60.82 34.87
CA ILE B 425 -15.64 -59.85 34.68
C ILE B 425 -16.01 -59.18 35.99
N ALA B 426 -16.12 -60.00 37.02
CA ALA B 426 -16.46 -59.53 38.36
C ALA B 426 -15.33 -59.95 39.29
N PRO B 427 -14.29 -59.12 39.35
CA PRO B 427 -13.03 -59.44 40.02
C PRO B 427 -13.09 -59.42 41.55
N CYS B 428 -13.96 -58.61 42.14
CA CYS B 428 -14.02 -58.45 43.60
C CYS B 428 -15.40 -58.69 44.19
N ILE B 429 -15.44 -59.38 45.33
CA ILE B 429 -16.71 -59.69 45.97
C ILE B 429 -16.64 -59.38 47.47
N LYS B 430 -17.79 -59.15 48.09
CA LYS B 430 -17.78 -58.83 49.52
C LYS B 430 -17.66 -60.12 50.35
N ILE B 431 -17.59 -59.97 51.67
CA ILE B 431 -17.61 -61.12 52.59
C ILE B 431 -18.22 -60.75 53.94
#